data_7O61
#
_entry.id   7O61
#
_cell.length_a   39.782
_cell.length_b   81.393
_cell.length_c   89.617
_cell.angle_alpha   90.000
_cell.angle_beta   90.000
_cell.angle_gamma   90.000
#
_symmetry.space_group_name_H-M   'P 21 21 21'
#
loop_
_entity.id
_entity.type
_entity.pdbx_description
1 polymer 'Penicillin-binding protein 1'
2 water water
#
_entity_poly.entity_id   1
_entity_poly.type   'polypeptide(L)'
_entity_poly.pdbx_seq_one_letter_code
;GPSNAEYSKVPDVEGQDKQKAIDNVSAKSLEPVTIGSGTQIKAQSIKAGNKVLPHSKVLLLTDGDLTMPDMSGWTKEDVI
AFENLTNIKVNLKGSGFVSHQSISKGQKLTEKDKIDVEFSSENVDSNSTNNSDSNSDDKKKSDSKTDKDKSD
;
_entity_poly.pdbx_strand_id   A,B
#
# COMPACT_ATOMS: atom_id res chain seq x y z
N GLU A 6 -2.04 7.86 17.83
CA GLU A 6 -2.31 6.62 18.57
C GLU A 6 -1.97 5.38 17.75
N TYR A 7 -0.72 5.27 17.32
CA TYR A 7 -0.32 4.18 16.44
C TYR A 7 -0.16 2.87 17.22
N SER A 8 -0.37 1.77 16.50
CA SER A 8 -0.22 0.41 17.01
C SER A 8 0.97 -0.25 16.34
N LYS A 9 1.69 -1.06 17.12
CA LYS A 9 2.84 -1.80 16.60
C LYS A 9 2.38 -3.19 16.15
N VAL A 10 2.62 -3.51 14.89
CA VAL A 10 2.22 -4.82 14.36
C VAL A 10 3.05 -5.92 15.04
N PRO A 11 2.43 -6.97 15.55
CA PRO A 11 3.22 -8.06 16.13
C PRO A 11 3.73 -9.02 15.06
N ASP A 12 4.77 -9.77 15.42
CA ASP A 12 5.28 -10.83 14.55
C ASP A 12 4.47 -12.10 14.83
N VAL A 13 3.59 -12.48 13.89
CA VAL A 13 2.78 -13.66 14.10
C VAL A 13 3.06 -14.74 13.06
N GLU A 14 4.08 -14.56 12.24
CA GLU A 14 4.43 -15.57 11.24
C GLU A 14 4.87 -16.86 11.92
N GLY A 15 4.32 -17.97 11.46
CA GLY A 15 4.58 -19.26 12.06
C GLY A 15 3.68 -19.63 13.22
N GLN A 16 2.89 -18.68 13.74
CA GLN A 16 2.05 -18.98 14.89
C GLN A 16 0.81 -19.76 14.49
N ASP A 17 0.28 -20.50 15.46
CA ASP A 17 -1.06 -21.04 15.36
C ASP A 17 -2.03 -19.96 14.90
N LYS A 18 -2.97 -20.35 14.03
CA LYS A 18 -3.85 -19.35 13.41
C LYS A 18 -4.62 -18.56 14.45
N GLN A 19 -5.21 -19.26 15.44
CA GLN A 19 -6.00 -18.53 16.44
C GLN A 19 -5.12 -17.66 17.32
N LYS A 20 -3.92 -18.16 17.68
CA LYS A 20 -3.00 -17.34 18.45
C LYS A 20 -2.64 -16.06 17.70
N ALA A 21 -2.40 -16.19 16.39
CA ALA A 21 -2.07 -15.01 15.60
C ALA A 21 -3.22 -14.03 15.54
N ILE A 22 -4.45 -14.53 15.34
CA ILE A 22 -5.62 -13.67 15.37
C ILE A 22 -5.68 -12.91 16.69
N ASP A 23 -5.54 -13.63 17.80
CA ASP A 23 -5.62 -13.00 19.12
C ASP A 23 -4.51 -11.98 19.31
N ASN A 24 -3.31 -12.27 18.80
CA ASN A 24 -2.18 -11.37 19.01
C ASN A 24 -2.33 -10.08 18.21
N VAL A 25 -2.89 -10.17 17.00
CA VAL A 25 -3.12 -8.96 16.21
C VAL A 25 -4.26 -8.14 16.82
N SER A 26 -5.35 -8.80 17.22
CA SER A 26 -6.45 -8.09 17.87
C SER A 26 -6.01 -7.42 19.17
N ALA A 27 -5.07 -8.03 19.89
CA ALA A 27 -4.61 -7.44 21.15
C ALA A 27 -3.82 -6.16 20.94
N LYS A 28 -3.39 -5.87 19.70
CA LYS A 28 -2.75 -4.61 19.39
C LYS A 28 -3.72 -3.61 18.79
N SER A 29 -5.02 -3.85 18.93
CA SER A 29 -6.09 -2.99 18.39
C SER A 29 -6.07 -2.95 16.87
N LEU A 30 -5.71 -4.07 16.25
CA LEU A 30 -5.69 -4.18 14.80
C LEU A 30 -6.67 -5.26 14.36
N GLU A 31 -7.04 -5.22 13.08
CA GLU A 31 -8.01 -6.17 12.54
C GLU A 31 -7.28 -7.28 11.81
N PRO A 32 -7.19 -8.48 12.35
CA PRO A 32 -6.60 -9.59 11.60
C PRO A 32 -7.59 -10.10 10.56
N VAL A 33 -7.11 -10.32 9.34
CA VAL A 33 -7.92 -10.96 8.31
C VAL A 33 -7.15 -12.16 7.80
N THR A 34 -7.70 -13.35 7.98
CA THR A 34 -6.98 -14.54 7.56
C THR A 34 -7.36 -14.90 6.13
N ILE A 35 -6.39 -15.46 5.43
CA ILE A 35 -6.54 -15.82 4.02
C ILE A 35 -6.08 -17.26 3.89
N GLY A 36 -6.98 -18.14 3.50
CA GLY A 36 -6.65 -19.56 3.38
C GLY A 36 -7.31 -20.39 4.46
N SER A 37 -7.28 -21.71 4.25
CA SER A 37 -7.99 -22.65 5.10
C SER A 37 -7.07 -23.46 6.02
N GLY A 38 -5.80 -23.06 6.15
CA GLY A 38 -4.87 -23.75 7.02
C GLY A 38 -4.95 -23.29 8.46
N THR A 39 -4.07 -23.87 9.29
CA THR A 39 -4.12 -23.69 10.73
C THR A 39 -2.90 -22.97 11.29
N GLN A 40 -1.96 -22.59 10.45
CA GLN A 40 -0.73 -21.93 10.87
C GLN A 40 -0.47 -20.77 9.92
N ILE A 41 0.02 -19.66 10.45
CA ILE A 41 0.24 -18.47 9.64
C ILE A 41 1.56 -18.63 8.88
N LYS A 42 1.51 -18.39 7.57
CA LYS A 42 2.67 -18.45 6.72
C LYS A 42 3.30 -17.08 6.49
N ALA A 43 2.48 -16.05 6.32
CA ALA A 43 2.98 -14.71 6.00
C ALA A 43 1.99 -13.68 6.48
N GLN A 44 2.50 -12.51 6.86
CA GLN A 44 1.66 -11.36 7.20
C GLN A 44 1.96 -10.19 6.28
N SER A 45 0.95 -9.36 6.05
CA SER A 45 1.02 -8.30 5.05
C SER A 45 1.83 -7.09 5.51
N ILE A 46 2.07 -6.94 6.81
CA ILE A 46 2.79 -5.79 7.33
C ILE A 46 3.97 -6.29 8.14
N LYS A 47 5.11 -5.62 7.95
CA LYS A 47 6.32 -5.96 8.68
C LYS A 47 6.12 -5.81 10.18
N ALA A 48 6.44 -6.87 10.91
CA ALA A 48 6.39 -6.84 12.37
C ALA A 48 7.21 -5.67 12.91
N GLY A 49 6.61 -4.93 13.85
CA GLY A 49 7.26 -3.80 14.47
C GLY A 49 6.89 -2.47 13.87
N ASN A 50 6.30 -2.47 12.68
CA ASN A 50 5.92 -1.22 12.05
C ASN A 50 4.70 -0.63 12.76
N LYS A 51 4.66 0.70 12.80
CA LYS A 51 3.56 1.43 13.41
C LYS A 51 2.48 1.69 12.37
N VAL A 52 1.24 1.32 12.70
CA VAL A 52 0.12 1.51 11.80
C VAL A 52 -1.04 2.10 12.58
N LEU A 53 -2.00 2.63 11.83
CA LEU A 53 -3.19 3.23 12.42
C LEU A 53 -3.97 2.16 13.18
N PRO A 54 -4.58 2.51 14.31
CA PRO A 54 -5.41 1.52 15.02
C PRO A 54 -6.56 1.06 14.14
N HIS A 55 -6.90 -0.22 14.29
CA HIS A 55 -8.00 -0.88 13.59
C HIS A 55 -7.74 -1.07 12.10
N SER A 56 -6.53 -0.77 11.63
CA SER A 56 -6.17 -1.13 10.28
C SER A 56 -5.97 -2.65 10.18
N LYS A 57 -6.09 -3.16 8.96
CA LYS A 57 -6.07 -4.60 8.74
C LYS A 57 -4.65 -5.13 8.58
N VAL A 58 -4.41 -6.30 9.16
CA VAL A 58 -3.21 -7.08 8.91
C VAL A 58 -3.70 -8.38 8.29
N LEU A 59 -3.35 -8.59 7.02
CA LEU A 59 -3.73 -9.81 6.32
C LEU A 59 -2.77 -10.93 6.72
N LEU A 60 -3.33 -12.09 7.04
CA LEU A 60 -2.54 -13.23 7.49
C LEU A 60 -2.77 -14.39 6.53
N LEU A 61 -1.75 -14.75 5.78
CA LEU A 61 -1.81 -15.91 4.90
C LEU A 61 -1.56 -17.17 5.72
N THR A 62 -2.47 -18.14 5.64
CA THR A 62 -2.28 -19.42 6.30
C THR A 62 -1.54 -20.39 5.37
N ASP A 63 -1.08 -21.50 5.95
CA ASP A 63 -0.60 -22.60 5.13
C ASP A 63 -1.81 -23.29 4.50
N GLY A 64 -1.58 -24.43 3.86
CA GLY A 64 -2.70 -25.09 3.24
C GLY A 64 -3.20 -24.33 2.02
N ASP A 65 -4.49 -24.47 1.74
CA ASP A 65 -5.06 -23.88 0.54
C ASP A 65 -5.30 -22.39 0.70
N LEU A 66 -5.02 -21.65 -0.36
CA LEU A 66 -5.42 -20.25 -0.46
CA LEU A 66 -5.42 -20.26 -0.43
C LEU A 66 -6.93 -20.16 -0.71
N THR A 67 -7.62 -19.30 0.04
CA THR A 67 -9.06 -19.14 -0.14
C THR A 67 -9.43 -17.67 -0.09
N MET A 68 -10.51 -17.34 -0.80
CA MET A 68 -10.92 -15.96 -1.02
C MET A 68 -11.50 -15.33 0.25
N PRO A 69 -10.99 -14.19 0.70
CA PRO A 69 -11.59 -13.50 1.84
C PRO A 69 -12.82 -12.70 1.40
N ASP A 70 -13.57 -12.24 2.39
CA ASP A 70 -14.61 -11.24 2.17
C ASP A 70 -13.93 -9.87 2.16
N MET A 71 -13.89 -9.23 0.99
CA MET A 71 -13.25 -7.93 0.88
C MET A 71 -14.21 -6.76 0.99
N SER A 72 -15.48 -7.01 1.32
CA SER A 72 -16.46 -5.94 1.39
C SER A 72 -15.98 -4.84 2.34
N GLY A 73 -16.00 -3.60 1.85
CA GLY A 73 -15.58 -2.45 2.63
C GLY A 73 -14.10 -2.22 2.68
N TRP A 74 -13.28 -3.09 2.10
CA TRP A 74 -11.84 -2.88 2.09
C TRP A 74 -11.48 -1.62 1.32
N THR A 75 -10.37 -1.00 1.73
CA THR A 75 -9.76 0.08 0.98
C THR A 75 -8.91 -0.48 -0.16
N LYS A 76 -8.52 0.42 -1.08
CA LYS A 76 -7.63 0.00 -2.15
C LYS A 76 -6.31 -0.51 -1.60
N GLU A 77 -5.80 0.14 -0.54
CA GLU A 77 -4.57 -0.31 0.11
C GLU A 77 -4.70 -1.75 0.62
N ASP A 78 -5.86 -2.09 1.19
CA ASP A 78 -6.07 -3.46 1.66
C ASP A 78 -6.02 -4.44 0.51
N VAL A 79 -6.66 -4.10 -0.61
CA VAL A 79 -6.73 -5.01 -1.75
C VAL A 79 -5.36 -5.18 -2.37
N ILE A 80 -4.60 -4.10 -2.49
CA ILE A 80 -3.23 -4.21 -3.02
C ILE A 80 -2.37 -5.06 -2.10
N ALA A 81 -2.54 -4.92 -0.78
CA ALA A 81 -1.85 -5.81 0.15
C ALA A 81 -2.19 -7.27 -0.12
N PHE A 82 -3.44 -7.55 -0.46
CA PHE A 82 -3.80 -8.93 -0.77
C PHE A 82 -3.09 -9.41 -2.02
N GLU A 83 -3.03 -8.56 -3.05
CA GLU A 83 -2.35 -8.95 -4.28
C GLU A 83 -0.88 -9.27 -4.01
N ASN A 84 -0.22 -8.43 -3.21
CA ASN A 84 1.20 -8.64 -2.95
C ASN A 84 1.43 -9.86 -2.06
N LEU A 85 0.48 -10.15 -1.17
CA LEU A 85 0.66 -11.26 -0.24
C LEU A 85 0.46 -12.61 -0.95
N THR A 86 -0.49 -12.66 -1.88
CA THR A 86 -0.90 -13.90 -2.53
C THR A 86 -0.35 -14.06 -3.94
N ASN A 87 0.19 -12.99 -4.54
CA ASN A 87 0.62 -13.00 -5.94
C ASN A 87 -0.53 -13.34 -6.89
N ILE A 88 -1.75 -13.00 -6.49
CA ILE A 88 -2.91 -13.09 -7.37
C ILE A 88 -3.22 -11.67 -7.84
N LYS A 89 -3.23 -11.48 -9.16
CA LYS A 89 -3.48 -10.16 -9.70
C LYS A 89 -4.92 -9.74 -9.43
N VAL A 90 -5.09 -8.53 -8.91
CA VAL A 90 -6.40 -7.95 -8.69
C VAL A 90 -6.55 -6.73 -9.57
N ASN A 91 -7.64 -6.67 -10.33
CA ASN A 91 -7.97 -5.48 -11.11
CA ASN A 91 -7.98 -5.49 -11.11
C ASN A 91 -8.90 -4.61 -10.28
N LEU A 92 -8.47 -3.38 -10.01
CA LEU A 92 -9.19 -2.46 -9.15
C LEU A 92 -9.96 -1.47 -10.01
N LYS A 93 -11.28 -1.44 -9.85
CA LYS A 93 -12.15 -0.58 -10.65
C LYS A 93 -12.82 0.43 -9.74
N GLY A 94 -12.52 1.71 -9.95
CA GLY A 94 -13.11 2.77 -9.17
C GLY A 94 -12.29 3.12 -7.95
N SER A 95 -12.88 3.95 -7.10
CA SER A 95 -12.26 4.40 -5.87
C SER A 95 -13.28 4.33 -4.74
N GLY A 96 -12.77 4.35 -3.51
CA GLY A 96 -13.61 4.24 -2.34
C GLY A 96 -13.43 2.95 -1.58
N PHE A 97 -14.52 2.27 -1.25
CA PHE A 97 -14.49 1.01 -0.52
C PHE A 97 -15.06 -0.09 -1.39
N VAL A 98 -14.58 -1.32 -1.17
CA VAL A 98 -14.96 -2.45 -2.01
C VAL A 98 -16.47 -2.68 -1.90
N SER A 99 -17.13 -2.75 -3.04
CA SER A 99 -18.55 -3.02 -3.11
C SER A 99 -18.88 -4.29 -3.89
N HIS A 100 -17.91 -4.91 -4.55
CA HIS A 100 -18.13 -6.15 -5.28
C HIS A 100 -16.79 -6.82 -5.54
N GLN A 101 -16.79 -8.15 -5.47
CA GLN A 101 -15.62 -8.96 -5.80
C GLN A 101 -16.07 -10.07 -6.72
N SER A 102 -15.25 -10.40 -7.71
CA SER A 102 -15.64 -11.35 -8.75
C SER A 102 -15.57 -12.80 -8.29
N ILE A 103 -14.96 -13.07 -7.13
CA ILE A 103 -14.87 -14.41 -6.57
C ILE A 103 -15.47 -14.37 -5.17
N SER A 104 -16.45 -15.24 -4.92
CA SER A 104 -17.16 -15.23 -3.64
C SER A 104 -16.24 -15.64 -2.50
N LYS A 105 -16.49 -15.05 -1.33
CA LYS A 105 -15.72 -15.40 -0.14
C LYS A 105 -15.79 -16.90 0.12
N GLY A 106 -14.62 -17.47 0.46
CA GLY A 106 -14.51 -18.86 0.83
C GLY A 106 -13.96 -19.76 -0.26
N GLN A 107 -13.95 -19.30 -1.51
CA GLN A 107 -13.59 -20.16 -2.62
C GLN A 107 -12.09 -20.35 -2.68
N LYS A 108 -11.67 -21.59 -2.94
CA LYS A 108 -10.25 -21.89 -3.08
C LYS A 108 -9.66 -21.17 -4.28
N LEU A 109 -8.45 -20.63 -4.10
CA LEU A 109 -7.77 -19.88 -5.13
C LEU A 109 -6.47 -20.57 -5.51
N THR A 110 -6.05 -20.38 -6.76
CA THR A 110 -4.70 -20.70 -7.20
C THR A 110 -4.15 -19.50 -7.93
N GLU A 111 -2.82 -19.45 -8.08
CA GLU A 111 -2.22 -18.27 -8.67
C GLU A 111 -2.51 -18.12 -10.15
N LYS A 112 -3.25 -19.04 -10.77
CA LYS A 112 -3.77 -18.83 -12.12
C LYS A 112 -5.15 -18.18 -12.10
N ASP A 113 -5.64 -17.80 -10.92
CA ASP A 113 -6.87 -17.03 -10.80
C ASP A 113 -6.57 -15.55 -10.94
N LYS A 114 -7.56 -14.80 -11.42
CA LYS A 114 -7.51 -13.35 -11.46
C LYS A 114 -8.80 -12.83 -10.85
N ILE A 115 -8.71 -11.70 -10.15
CA ILE A 115 -9.81 -11.17 -9.36
C ILE A 115 -10.12 -9.76 -9.84
N ASP A 116 -11.39 -9.48 -10.10
CA ASP A 116 -11.86 -8.13 -10.34
C ASP A 116 -12.56 -7.63 -9.08
N VAL A 117 -12.18 -6.44 -8.64
CA VAL A 117 -12.79 -5.79 -7.48
C VAL A 117 -13.18 -4.38 -7.87
N GLU A 118 -14.38 -3.96 -7.51
CA GLU A 118 -14.82 -2.60 -7.77
C GLU A 118 -15.20 -1.91 -6.47
N PHE A 119 -15.05 -0.59 -6.47
CA PHE A 119 -15.17 0.27 -5.30
C PHE A 119 -16.30 1.27 -5.49
N SER A 120 -16.70 1.90 -4.39
CA SER A 120 -17.64 3.01 -4.42
C SER A 120 -17.46 3.81 -3.14
N SER A 121 -18.20 4.92 -3.04
CA SER A 121 -18.11 5.81 -1.89
C SER A 121 -19.10 5.40 -0.80
N ALA B 5 21.19 -4.51 8.92
CA ALA B 5 19.84 -4.10 8.58
C ALA B 5 19.39 -4.73 7.27
N GLU B 6 18.52 -5.73 7.37
CA GLU B 6 17.94 -6.32 6.16
C GLU B 6 16.96 -5.35 5.50
N TYR B 7 16.05 -4.79 6.29
CA TYR B 7 15.18 -3.72 5.82
C TYR B 7 15.84 -2.38 6.08
N SER B 8 15.46 -1.39 5.27
CA SER B 8 15.84 -0.02 5.53
C SER B 8 14.83 0.61 6.46
N LYS B 9 15.32 1.35 7.44
CA LYS B 9 14.46 2.12 8.34
C LYS B 9 14.26 3.51 7.75
N VAL B 10 13.01 3.91 7.59
CA VAL B 10 12.71 5.17 6.92
C VAL B 10 13.06 6.33 7.84
N PRO B 11 13.83 7.31 7.39
CA PRO B 11 14.20 8.43 8.27
C PRO B 11 13.07 9.43 8.39
N ASP B 12 13.13 10.21 9.46
CA ASP B 12 12.25 11.36 9.64
C ASP B 12 12.80 12.53 8.86
N VAL B 13 12.18 12.87 7.74
CA VAL B 13 12.61 14.00 6.94
C VAL B 13 11.55 15.09 6.84
N GLU B 14 10.43 14.96 7.56
CA GLU B 14 9.42 16.01 7.54
C GLU B 14 9.96 17.27 8.20
N GLY B 15 9.81 18.40 7.52
CA GLY B 15 10.36 19.66 7.99
C GLY B 15 11.76 19.96 7.50
N GLN B 16 12.39 19.04 6.78
CA GLN B 16 13.72 19.28 6.25
C GLN B 16 13.60 19.98 4.90
N ASP B 17 14.66 20.69 4.53
CA ASP B 17 14.58 21.27 3.21
C ASP B 17 14.65 20.14 2.19
N LYS B 18 14.15 20.40 0.98
CA LYS B 18 13.94 19.35 -0.01
C LYS B 18 15.20 18.52 -0.25
N GLN B 19 16.33 19.18 -0.53
CA GLN B 19 17.53 18.45 -0.89
C GLN B 19 18.08 17.64 0.29
N LYS B 20 18.01 18.20 1.50
CA LYS B 20 18.45 17.44 2.68
C LYS B 20 17.63 16.18 2.85
N ALA B 21 16.31 16.29 2.68
CA ALA B 21 15.45 15.12 2.80
C ALA B 21 15.77 14.08 1.74
N ILE B 22 15.97 14.52 0.49
CA ILE B 22 16.39 13.62 -0.57
C ILE B 22 17.66 12.88 -0.16
N ASP B 23 18.67 13.63 0.30
CA ASP B 23 19.94 13.02 0.67
C ASP B 23 19.77 12.03 1.81
N ASN B 24 18.90 12.35 2.77
CA ASN B 24 18.73 11.51 3.95
C ASN B 24 18.00 10.21 3.61
N VAL B 25 17.02 10.29 2.69
CA VAL B 25 16.33 9.08 2.25
C VAL B 25 17.28 8.21 1.44
N SER B 26 18.05 8.82 0.53
CA SER B 26 18.99 8.04 -0.29
C SER B 26 20.07 7.39 0.56
N ALA B 27 20.49 8.02 1.65
CA ALA B 27 21.51 7.44 2.51
C ALA B 27 21.04 6.19 3.22
N LYS B 28 19.72 6.02 3.35
CA LYS B 28 19.14 4.79 3.91
C LYS B 28 18.81 3.76 2.84
N SER B 29 19.42 3.88 1.66
CA SER B 29 19.21 2.93 0.56
C SER B 29 17.74 2.87 0.13
N LEU B 30 17.08 4.02 0.16
CA LEU B 30 15.71 4.17 -0.30
C LEU B 30 15.67 5.17 -1.45
N GLU B 31 14.58 5.14 -2.21
CA GLU B 31 14.42 6.01 -3.36
C GLU B 31 13.47 7.15 -3.01
N PRO B 32 13.97 8.37 -2.81
CA PRO B 32 13.06 9.49 -2.57
C PRO B 32 12.43 9.97 -3.86
N VAL B 33 11.12 10.24 -3.81
CA VAL B 33 10.40 10.86 -4.91
C VAL B 33 9.67 12.06 -4.34
N THR B 34 9.95 13.25 -4.88
CA THR B 34 9.35 14.46 -4.37
C THR B 34 8.11 14.81 -5.17
N ILE B 35 7.15 15.42 -4.49
CA ILE B 35 5.87 15.79 -5.06
C ILE B 35 5.62 17.23 -4.67
N GLY B 36 5.49 18.11 -5.65
CA GLY B 36 5.29 19.52 -5.42
C GLY B 36 6.52 20.36 -5.78
N SER B 37 6.28 21.67 -5.87
CA SER B 37 7.29 22.62 -6.33
C SER B 37 7.84 23.46 -5.18
N GLY B 38 7.63 23.03 -3.93
CA GLY B 38 8.11 23.74 -2.78
C GLY B 38 9.54 23.37 -2.41
N THR B 39 10.01 23.97 -1.31
CA THR B 39 11.41 23.87 -0.92
C THR B 39 11.64 23.09 0.37
N GLN B 40 10.57 22.74 1.09
CA GLN B 40 10.68 21.98 2.31
C GLN B 40 9.70 20.81 2.26
N ILE B 41 10.02 19.75 2.97
CA ILE B 41 9.16 18.56 2.98
C ILE B 41 8.09 18.74 4.05
N LYS B 42 6.84 18.57 3.63
CA LYS B 42 5.66 18.69 4.47
C LYS B 42 5.19 17.34 5.01
N ALA B 43 5.36 16.28 4.24
CA ALA B 43 4.81 14.97 4.61
C ALA B 43 5.57 13.88 3.85
N GLN B 44 5.68 12.71 4.46
CA GLN B 44 6.31 11.57 3.80
C GLN B 44 5.36 10.39 3.81
N SER B 45 5.46 9.54 2.78
CA SER B 45 4.45 8.51 2.56
C SER B 45 4.59 7.31 3.47
N ILE B 46 5.78 7.08 4.05
CA ILE B 46 5.98 5.99 4.99
C ILE B 46 6.33 6.61 6.34
N LYS B 47 5.67 6.14 7.40
CA LYS B 47 5.90 6.71 8.71
C LYS B 47 7.36 6.56 9.12
N ALA B 48 7.96 7.66 9.58
CA ALA B 48 9.35 7.64 10.03
C ALA B 48 9.55 6.55 11.09
N GLY B 49 10.59 5.75 10.90
CA GLY B 49 10.92 4.67 11.81
C GLY B 49 10.42 3.31 11.35
N ASN B 50 9.46 3.28 10.45
CA ASN B 50 9.00 2.02 9.91
C ASN B 50 10.06 1.45 8.97
N LYS B 51 10.05 0.12 8.84
CA LYS B 51 11.05 -0.59 8.05
C LYS B 51 10.42 -1.05 6.75
N VAL B 52 11.15 -0.88 5.64
CA VAL B 52 10.68 -1.25 4.32
C VAL B 52 11.83 -1.92 3.57
N LEU B 53 11.48 -2.54 2.45
CA LEU B 53 12.51 -3.18 1.62
C LEU B 53 13.46 -2.12 1.07
N PRO B 54 14.75 -2.43 0.99
CA PRO B 54 15.69 -1.45 0.43
C PRO B 54 15.32 -1.09 -1.00
N HIS B 55 15.60 0.16 -1.36
CA HIS B 55 15.35 0.73 -2.68
C HIS B 55 13.87 0.89 -3.00
N SER B 56 12.98 0.70 -2.04
CA SER B 56 11.59 1.05 -2.31
C SER B 56 11.43 2.56 -2.18
N LYS B 57 10.32 3.06 -2.74
CA LYS B 57 10.13 4.50 -2.86
C LYS B 57 9.55 5.11 -1.59
N VAL B 58 10.03 6.30 -1.25
CA VAL B 58 9.43 7.13 -0.22
C VAL B 58 9.02 8.44 -0.87
N LEU B 59 7.71 8.65 -0.92
CA LEU B 59 7.14 9.84 -1.54
C LEU B 59 7.20 11.00 -0.54
N LEU B 60 7.70 12.14 -1.02
CA LEU B 60 7.93 13.32 -0.18
C LEU B 60 7.11 14.48 -0.73
N LEU B 61 6.12 14.91 0.04
CA LEU B 61 5.28 16.02 -0.35
C LEU B 61 5.94 17.31 0.11
N THR B 62 6.20 18.23 -0.83
CA THR B 62 6.75 19.51 -0.43
C THR B 62 5.65 20.44 0.05
N ASP B 63 6.05 21.56 0.64
CA ASP B 63 5.11 22.64 0.86
C ASP B 63 4.82 23.32 -0.48
N GLY B 64 4.03 24.38 -0.45
CA GLY B 64 3.70 25.04 -1.70
C GLY B 64 2.80 24.19 -2.58
N ASP B 65 2.93 24.38 -3.89
CA ASP B 65 2.01 23.80 -4.85
C ASP B 65 2.27 22.30 -5.02
N LEU B 66 1.19 21.53 -5.10
CA LEU B 66 1.30 20.13 -5.47
CA LEU B 66 1.27 20.13 -5.47
C LEU B 66 1.44 20.02 -6.98
N THR B 67 2.37 19.16 -7.42
CA THR B 67 2.61 18.99 -8.84
C THR B 67 2.74 17.51 -9.15
N MET B 68 2.46 17.16 -10.38
CA MET B 68 2.33 15.76 -10.76
C MET B 68 3.69 15.11 -10.97
N PRO B 69 3.98 13.98 -10.31
CA PRO B 69 5.26 13.31 -10.52
C PRO B 69 5.24 12.49 -11.80
N ASP B 70 6.43 12.03 -12.20
CA ASP B 70 6.54 11.02 -13.23
C ASP B 70 6.36 9.66 -12.59
N MET B 71 5.19 9.04 -12.82
CA MET B 71 4.90 7.73 -12.24
C MET B 71 5.32 6.56 -13.12
N SER B 72 6.12 6.79 -14.16
CA SER B 72 6.55 5.70 -15.01
C SER B 72 7.26 4.61 -14.21
N GLY B 73 6.82 3.37 -14.38
CA GLY B 73 7.44 2.24 -13.70
C GLY B 73 6.99 2.01 -12.28
N TRP B 74 6.12 2.86 -11.73
CA TRP B 74 5.66 2.68 -10.36
C TRP B 74 4.83 1.41 -10.21
N THR B 75 4.77 0.93 -8.97
CA THR B 75 3.89 -0.18 -8.62
C THR B 75 2.53 0.35 -8.18
N LYS B 76 1.56 -0.56 -8.06
CA LYS B 76 0.27 -0.18 -7.51
C LYS B 76 0.42 0.42 -6.12
N GLU B 77 1.29 -0.17 -5.30
CA GLU B 77 1.55 0.35 -3.97
C GLU B 77 2.10 1.77 -4.01
N ASP B 78 2.99 2.06 -4.97
CA ASP B 78 3.49 3.44 -5.11
C ASP B 78 2.34 4.40 -5.42
N VAL B 79 1.46 4.01 -6.34
CA VAL B 79 0.41 4.92 -6.78
C VAL B 79 -0.60 5.14 -5.67
N ILE B 80 -0.94 4.09 -4.91
CA ILE B 80 -1.88 4.28 -3.82
C ILE B 80 -1.25 5.11 -2.72
N ALA B 81 0.07 4.98 -2.51
CA ALA B 81 0.77 5.87 -1.60
C ALA B 81 0.58 7.32 -2.01
N PHE B 82 0.69 7.60 -3.31
CA PHE B 82 0.43 8.94 -3.82
C PHE B 82 -1.00 9.39 -3.49
N GLU B 83 -1.98 8.52 -3.74
CA GLU B 83 -3.37 8.85 -3.43
C GLU B 83 -3.53 9.21 -1.96
N ASN B 84 -2.97 8.39 -1.07
CA ASN B 84 -3.17 8.63 0.36
C ASN B 84 -2.41 9.87 0.81
N LEU B 85 -1.28 10.16 0.16
CA LEU B 85 -0.47 11.31 0.58
C LEU B 85 -1.12 12.62 0.14
N THR B 86 -1.73 12.64 -1.05
CA THR B 86 -2.21 13.86 -1.66
C THR B 86 -3.72 14.04 -1.61
N ASN B 87 -4.48 13.00 -1.27
CA ASN B 87 -5.94 13.02 -1.31
CA ASN B 87 -5.94 13.02 -1.31
C ASN B 87 -6.47 13.25 -2.73
N ILE B 88 -5.69 12.83 -3.73
CA ILE B 88 -6.11 12.90 -5.14
C ILE B 88 -6.44 11.49 -5.59
N LYS B 89 -7.69 11.29 -6.01
CA LYS B 89 -8.13 9.95 -6.38
C LYS B 89 -7.42 9.48 -7.63
N VAL B 90 -7.02 8.20 -7.63
CA VAL B 90 -6.38 7.58 -8.78
C VAL B 90 -7.15 6.31 -9.15
N ASN B 91 -7.51 6.20 -10.44
CA ASN B 91 -7.93 4.92 -11.03
C ASN B 91 -6.73 4.17 -11.61
N LEU B 92 -6.61 2.93 -11.17
CA LEU B 92 -5.58 1.99 -11.60
C LEU B 92 -6.20 1.05 -12.63
N LYS B 93 -5.59 0.94 -13.82
CA LYS B 93 -6.11 0.09 -14.88
C LYS B 93 -5.09 -1.00 -15.14
N GLY B 94 -5.50 -2.26 -14.96
CA GLY B 94 -4.61 -3.38 -15.20
C GLY B 94 -3.65 -3.63 -14.06
N SER B 95 -2.67 -4.48 -14.34
CA SER B 95 -1.65 -4.85 -13.38
C SER B 95 -0.28 -4.75 -14.02
N GLY B 96 0.75 -4.71 -13.18
CA GLY B 96 2.12 -4.60 -13.65
C GLY B 96 2.80 -3.34 -13.17
N PHE B 97 3.34 -2.56 -14.10
CA PHE B 97 4.06 -1.33 -13.80
C PHE B 97 3.40 -0.19 -14.57
N VAL B 98 3.43 1.02 -13.99
CA VAL B 98 2.76 2.15 -14.63
C VAL B 98 3.38 2.38 -16.01
N SER B 99 2.55 2.29 -17.04
CA SER B 99 2.97 2.55 -18.41
C SER B 99 2.38 3.83 -18.99
N HIS B 100 1.42 4.44 -18.30
CA HIS B 100 0.79 5.66 -18.79
C HIS B 100 0.09 6.36 -17.64
N GLN B 101 0.17 7.68 -17.62
CA GLN B 101 -0.56 8.51 -16.67
C GLN B 101 -1.33 9.58 -17.42
N SER B 102 -2.51 9.92 -16.91
CA SER B 102 -3.41 10.84 -17.61
C SER B 102 -3.01 12.30 -17.45
N ILE B 103 -2.13 12.63 -16.52
CA ILE B 103 -1.65 13.99 -16.32
C ILE B 103 -0.14 13.98 -16.48
N SER B 104 0.38 14.84 -17.35
CA SER B 104 1.81 14.86 -17.64
C SER B 104 2.61 15.31 -16.42
N LYS B 105 3.84 14.82 -16.33
CA LYS B 105 4.67 15.16 -15.18
C LYS B 105 4.93 16.66 -15.15
N GLY B 106 4.91 17.22 -13.94
CA GLY B 106 5.19 18.62 -13.71
C GLY B 106 3.96 19.48 -13.55
N GLN B 107 2.79 19.00 -13.96
CA GLN B 107 1.60 19.84 -13.95
C GLN B 107 1.12 20.06 -12.52
N LYS B 108 0.73 21.30 -12.22
CA LYS B 108 0.17 21.63 -10.93
C LYS B 108 -1.17 20.92 -10.72
N LEU B 109 -1.35 20.34 -9.54
CA LEU B 109 -2.57 19.59 -9.22
C LEU B 109 -3.42 20.39 -8.23
N THR B 110 -4.75 20.27 -8.38
CA THR B 110 -5.69 21.15 -7.71
C THR B 110 -6.64 20.42 -6.77
N GLU B 111 -6.43 19.12 -6.55
CA GLU B 111 -7.28 18.29 -5.68
C GLU B 111 -8.70 18.15 -6.23
N LYS B 112 -9.13 19.11 -7.05
CA LYS B 112 -10.26 18.87 -7.95
C LYS B 112 -9.88 17.96 -9.10
N ASP B 113 -8.59 17.61 -9.22
CA ASP B 113 -8.08 16.75 -10.27
C ASP B 113 -8.35 15.29 -9.95
N LYS B 114 -8.36 14.47 -11.00
CA LYS B 114 -8.41 13.02 -10.91
C LYS B 114 -7.38 12.47 -11.88
N ILE B 115 -6.91 11.25 -11.60
CA ILE B 115 -5.78 10.68 -12.33
C ILE B 115 -6.16 9.27 -12.75
N ASP B 116 -5.89 8.93 -14.01
CA ASP B 116 -5.98 7.56 -14.49
C ASP B 116 -4.58 7.07 -14.81
N VAL B 117 -4.20 5.92 -14.26
CA VAL B 117 -2.93 5.30 -14.59
C VAL B 117 -3.17 3.92 -15.16
N GLU B 118 -2.31 3.53 -16.09
CA GLU B 118 -2.38 2.23 -16.74
C GLU B 118 -1.14 1.44 -16.41
N PHE B 119 -1.33 0.15 -16.13
CA PHE B 119 -0.22 -0.74 -15.80
C PHE B 119 -0.02 -1.75 -16.91
N SER B 120 1.23 -2.20 -17.06
CA SER B 120 1.59 -3.21 -18.05
C SER B 120 2.75 -4.02 -17.51
N SER B 121 2.97 -5.18 -18.14
CA SER B 121 4.03 -6.09 -17.73
C SER B 121 5.41 -5.48 -17.99
#